data_8GJW
#
_entry.id   8GJW
#
_cell.length_a   68.602
_cell.length_b   68.602
_cell.length_c   325.851
_cell.angle_alpha   90.000
_cell.angle_beta   90.000
_cell.angle_gamma   120.000
#
_symmetry.space_group_name_H-M   'P 65 2 2'
#
loop_
_entity.id
_entity.type
_entity.pdbx_description
1 polymer 'cGAS-like receptor 1'
2 non-polymer 'SULFATE ION'
3 water water
#
_entity_poly.entity_id   1
_entity_poly.type   'polypeptide(L)'
_entity_poly.pdbx_seq_one_letter_code
;SNFADSFNIKTFEKWVTVAEASIIRQKTDTDETIDCMNRFIKMLESTMNGISHFPLKTFKSGSYYDRTKIDYNDEFDFMF
FPDMKMEAVFTNCPPGYCKIRKGVTNSKDLDPYLNKDGFLVPGLFKQAMFDLFEKSLSDGTFREGRRTTRQTSKPGSPAY
TILYNLGIHGKRPIDVDLVPAIRIECWPKPAKEIKPDWVKKETTERATRCFHAVMKTYPENWPDGDLLWRISFTHAEKEL
ILHANEKEKGCRKDIFRLLKKIKEVMKSRNSNDIDKFCSYHLKMFMLKFFDKEKYFRNEMKVDLLKKAIKKLGESVEHGN
IPNYFIPEDNVIVNVLEKERTLIAKELRALLEGNW
;
_entity_poly.pdbx_strand_id   A
#
loop_
_chem_comp.id
_chem_comp.type
_chem_comp.name
_chem_comp.formula
SO4 non-polymer 'SULFATE ION' 'O4 S -2'
#
# COMPACT_ATOMS: atom_id res chain seq x y z
N LYS A 10 14.50 23.83 -21.68
CA LYS A 10 13.98 22.82 -20.75
C LYS A 10 15.01 21.74 -20.51
N THR A 11 15.10 21.30 -19.26
CA THR A 11 16.01 20.24 -18.87
C THR A 11 15.28 19.33 -17.89
N PHE A 12 15.98 18.25 -17.51
CA PHE A 12 15.52 17.41 -16.42
C PHE A 12 15.59 18.16 -15.08
N GLU A 13 16.74 18.82 -14.81
CA GLU A 13 16.90 19.61 -13.60
C GLU A 13 15.77 20.61 -13.41
N LYS A 14 15.35 21.27 -14.50
CA LYS A 14 14.26 22.24 -14.46
C LYS A 14 12.94 21.57 -14.08
N TRP A 15 12.62 20.44 -14.70
CA TRP A 15 11.39 19.73 -14.38
C TRP A 15 11.38 19.31 -12.90
N VAL A 16 12.54 18.89 -12.40
CA VAL A 16 12.70 18.49 -11.00
C VAL A 16 12.40 19.65 -10.05
N THR A 17 12.90 20.85 -10.36
CA THR A 17 12.67 22.01 -9.49
C THR A 17 11.17 22.31 -9.36
N VAL A 18 10.43 22.27 -10.46
CA VAL A 18 8.99 22.53 -10.43
C VAL A 18 8.27 21.39 -9.72
N ALA A 19 8.71 20.18 -9.96
CA ALA A 19 8.13 19.03 -9.28
C ALA A 19 8.25 19.18 -7.78
N GLU A 20 9.42 19.64 -7.30
CA GLU A 20 9.63 19.78 -5.87
C GLU A 20 8.73 20.85 -5.29
N ALA A 21 8.59 21.98 -5.99
CA ALA A 21 7.74 23.06 -5.50
C ALA A 21 6.28 22.62 -5.41
N SER A 22 5.82 21.82 -6.37
CA SER A 22 4.43 21.40 -6.33
C SER A 22 4.20 20.39 -5.21
N ILE A 23 5.17 19.50 -4.97
CA ILE A 23 5.08 18.58 -3.84
C ILE A 23 4.96 19.34 -2.53
N ILE A 24 5.76 20.39 -2.38
CA ILE A 24 5.73 21.19 -1.16
C ILE A 24 4.40 21.94 -1.04
N ARG A 25 3.91 22.51 -2.16
CA ARG A 25 2.61 23.18 -2.16
C ARG A 25 1.51 22.28 -1.59
N GLN A 26 1.57 20.99 -1.88
CA GLN A 26 0.56 20.06 -1.37
C GLN A 26 0.64 19.86 0.14
N LYS A 27 1.74 20.27 0.79
CA LYS A 27 1.89 20.06 2.23
C LYS A 27 1.00 20.97 3.08
N THR A 28 0.28 21.91 2.47
CA THR A 28 -0.57 22.81 3.25
C THR A 28 -1.84 22.09 3.67
N ASP A 29 -2.23 22.32 4.93
CA ASP A 29 -3.35 21.62 5.54
C ASP A 29 -3.07 20.13 5.69
N THR A 30 -1.80 19.79 5.95
CA THR A 30 -1.48 18.38 6.17
C THR A 30 -1.89 17.91 7.56
N ASP A 31 -1.54 18.70 8.60
CA ASP A 31 -1.81 18.29 9.97
C ASP A 31 -3.29 18.31 10.26
N GLU A 32 -4.01 19.31 9.75
CA GLU A 32 -5.46 19.37 9.85
C GLU A 32 -6.13 18.19 9.14
N THR A 33 -5.56 17.71 8.03
CA THR A 33 -6.19 16.59 7.33
C THR A 33 -5.99 15.28 8.08
N ILE A 34 -4.78 15.07 8.61
CA ILE A 34 -4.48 13.85 9.35
C ILE A 34 -5.35 13.75 10.59
N ASP A 35 -5.67 14.88 11.22
CA ASP A 35 -6.57 14.83 12.39
C ASP A 35 -8.03 14.59 12.01
N CYS A 36 -8.51 15.12 10.88
CA CYS A 36 -9.85 14.71 10.44
C CYS A 36 -9.88 13.21 10.16
N MET A 37 -8.82 12.68 9.55
CA MET A 37 -8.88 11.27 9.17
C MET A 37 -8.64 10.36 10.38
N ASN A 38 -7.86 10.84 11.35
CA ASN A 38 -7.73 10.10 12.59
C ASN A 38 -9.05 10.03 13.35
N ARG A 39 -9.79 11.14 13.42
CA ARG A 39 -11.10 11.11 14.03
C ARG A 39 -12.03 10.16 13.28
N PHE A 40 -12.04 10.26 11.95
CA PHE A 40 -12.84 9.39 11.10
C PHE A 40 -12.64 7.92 11.44
N ILE A 41 -11.39 7.45 11.43
CA ILE A 41 -11.19 6.01 11.59
C ILE A 41 -11.50 5.60 13.03
N LYS A 42 -11.28 6.49 13.99
CA LYS A 42 -11.53 6.14 15.38
C LYS A 42 -13.02 5.95 15.61
N MET A 43 -13.84 6.85 15.05
CA MET A 43 -15.28 6.74 15.17
C MET A 43 -15.83 5.58 14.36
N LEU A 44 -15.22 5.28 13.22
CA LEU A 44 -15.72 4.19 12.39
C LEU A 44 -15.44 2.85 13.04
N GLU A 45 -14.23 2.69 13.60
CA GLU A 45 -13.91 1.50 14.37
C GLU A 45 -14.86 1.34 15.56
N SER A 46 -15.14 2.44 16.27
CA SER A 46 -16.01 2.36 17.42
C SER A 46 -17.43 1.98 17.01
N THR A 47 -17.89 2.49 15.87
CA THR A 47 -19.20 2.08 15.38
C THR A 47 -19.20 0.61 14.97
N MET A 48 -18.17 0.19 14.25
CA MET A 48 -18.08 -1.19 13.79
C MET A 48 -18.01 -2.18 14.93
N ASN A 49 -17.32 -1.83 16.02
CA ASN A 49 -17.25 -2.75 17.14
C ASN A 49 -18.54 -2.82 17.93
N GLY A 50 -19.54 -2.01 17.60
CA GLY A 50 -20.84 -2.13 18.22
C GLY A 50 -21.82 -2.92 17.39
N ILE A 51 -21.41 -3.36 16.22
CA ILE A 51 -22.25 -4.02 15.24
C ILE A 51 -21.75 -5.42 14.94
N SER A 52 -20.45 -5.55 14.73
CA SER A 52 -19.81 -6.80 14.43
C SER A 52 -20.04 -7.80 15.55
N HIS A 53 -20.20 -9.06 15.19
CA HIS A 53 -20.31 -10.07 16.22
C HIS A 53 -18.94 -10.51 16.74
N PHE A 54 -17.85 -10.09 16.10
CA PHE A 54 -16.49 -10.28 16.62
C PHE A 54 -15.78 -8.94 16.76
N PRO A 55 -14.95 -8.78 17.79
CA PRO A 55 -14.22 -7.52 17.96
C PRO A 55 -13.23 -7.37 16.83
N LEU A 56 -12.92 -6.08 16.49
CA LEU A 56 -11.99 -5.73 15.43
C LEU A 56 -10.96 -4.71 15.91
N LYS A 57 -9.79 -4.72 15.28
CA LYS A 57 -8.80 -3.64 15.44
C LYS A 57 -8.46 -3.06 14.08
N THR A 58 -7.74 -1.94 14.06
CA THR A 58 -7.40 -1.29 12.80
C THR A 58 -5.91 -1.00 12.71
N PHE A 59 -5.47 -0.88 11.47
CA PHE A 59 -4.11 -0.41 11.18
C PHE A 59 -4.19 0.63 10.08
N LYS A 60 -3.48 1.75 10.25
CA LYS A 60 -3.55 2.93 9.40
C LYS A 60 -2.25 3.08 8.61
N SER A 61 -2.37 3.31 7.31
CA SER A 61 -1.19 3.47 6.47
C SER A 61 -1.54 4.37 5.29
N GLY A 62 -0.54 4.58 4.43
CA GLY A 62 -0.64 5.52 3.32
C GLY A 62 0.35 6.64 3.47
N SER A 63 0.43 7.45 2.42
CA SER A 63 1.54 8.39 2.32
C SER A 63 1.45 9.50 3.36
N TYR A 64 0.25 9.82 3.86
CA TYR A 64 0.18 10.80 4.95
C TYR A 64 0.82 10.24 6.21
N TYR A 65 0.70 8.94 6.44
CA TYR A 65 1.20 8.38 7.70
C TYR A 65 2.67 8.00 7.65
N ASP A 66 3.25 7.70 6.47
CA ASP A 66 4.68 7.46 6.41
C ASP A 66 5.45 8.65 5.87
N ARG A 67 4.75 9.78 5.65
CA ARG A 67 5.36 11.09 5.44
C ARG A 67 6.04 11.13 4.07
N THR A 68 5.38 10.56 3.06
CA THR A 68 5.82 10.66 1.68
C THR A 68 4.70 11.21 0.81
N LYS A 69 3.86 12.02 1.41
CA LYS A 69 2.72 12.60 0.72
C LYS A 69 3.21 13.56 -0.36
N ILE A 70 2.70 13.41 -1.59
CA ILE A 70 3.00 14.37 -2.66
C ILE A 70 1.81 15.18 -3.11
N ASP A 71 0.61 14.87 -2.65
CA ASP A 71 -0.59 15.55 -3.11
C ASP A 71 -1.63 15.42 -2.02
N TYR A 72 -2.43 16.46 -1.84
CA TYR A 72 -3.47 16.46 -0.81
C TYR A 72 -4.36 15.22 -0.92
N ASN A 73 -4.65 14.75 -2.13
CA ASN A 73 -5.61 13.66 -2.33
C ASN A 73 -4.96 12.28 -2.31
N ASP A 74 -3.70 12.17 -1.90
CA ASP A 74 -3.12 10.86 -1.62
C ASP A 74 -4.02 10.10 -0.66
N GLU A 75 -4.14 8.79 -0.87
CA GLU A 75 -5.24 8.10 -0.24
C GLU A 75 -4.87 7.59 1.15
N PHE A 76 -5.90 7.35 1.97
CA PHE A 76 -5.77 6.78 3.30
C PHE A 76 -6.21 5.33 3.25
N ASP A 77 -5.41 4.43 3.82
CA ASP A 77 -5.71 3.00 3.85
C ASP A 77 -5.89 2.55 5.30
N PHE A 78 -7.08 2.04 5.63
CA PHE A 78 -7.36 1.51 6.95
C PHE A 78 -7.69 0.03 6.84
N MET A 79 -6.87 -0.81 7.47
CA MET A 79 -7.18 -2.24 7.55
C MET A 79 -7.99 -2.53 8.80
N PHE A 80 -8.89 -3.50 8.68
CA PHE A 80 -9.79 -3.89 9.78
C PHE A 80 -9.63 -5.38 9.96
N PHE A 81 -9.20 -5.80 11.14
CA PHE A 81 -8.90 -7.21 11.30
C PHE A 81 -9.46 -7.73 12.60
N PRO A 82 -9.90 -8.99 12.63
CA PRO A 82 -10.48 -9.57 13.86
C PRO A 82 -9.46 -9.59 14.98
N ASP A 83 -9.90 -9.31 16.19
CA ASP A 83 -8.97 -9.32 17.31
C ASP A 83 -8.94 -10.72 17.95
N MET A 84 -8.41 -11.66 17.18
CA MET A 84 -8.21 -13.02 17.66
C MET A 84 -6.98 -13.63 17.01
N LYS A 85 -6.53 -14.74 17.57
CA LYS A 85 -5.32 -15.38 17.06
C LYS A 85 -5.65 -16.21 15.82
N MET A 86 -4.92 -15.97 14.73
CA MET A 86 -5.06 -16.74 13.51
C MET A 86 -3.68 -17.20 13.06
N GLU A 87 -3.65 -18.06 12.04
CA GLU A 87 -2.42 -18.60 11.50
C GLU A 87 -2.46 -18.57 9.98
N ALA A 88 -1.29 -18.36 9.39
CA ALA A 88 -1.09 -18.38 7.95
C ALA A 88 -0.40 -19.66 7.54
N VAL A 89 -0.86 -20.25 6.43
CA VAL A 89 -0.23 -21.42 5.84
C VAL A 89 0.32 -21.06 4.46
N PHE A 90 1.43 -21.65 4.08
CA PHE A 90 2.06 -21.32 2.82
C PHE A 90 2.29 -22.50 1.89
N THR A 91 1.98 -23.73 2.30
CA THR A 91 2.29 -24.87 1.45
C THR A 91 1.40 -24.84 0.21
N ASN A 92 1.99 -25.17 -0.94
CA ASN A 92 1.25 -25.18 -2.21
C ASN A 92 0.66 -23.81 -2.53
N CYS A 93 1.29 -22.77 -2.06
CA CYS A 93 0.77 -21.47 -2.41
C CYS A 93 1.74 -20.79 -3.36
N PRO A 94 1.25 -19.99 -4.31
CA PRO A 94 2.15 -19.23 -5.17
C PRO A 94 2.86 -18.17 -4.35
N PRO A 95 4.04 -17.72 -4.80
CA PRO A 95 4.79 -16.74 -4.02
C PRO A 95 3.98 -15.49 -3.78
N GLY A 96 4.05 -14.98 -2.54
CA GLY A 96 3.31 -13.80 -2.17
C GLY A 96 1.90 -14.03 -1.67
N TYR A 97 1.42 -15.28 -1.61
CA TYR A 97 0.05 -15.60 -1.24
C TYR A 97 0.05 -16.67 -0.15
N CYS A 98 -1.03 -16.71 0.61
CA CYS A 98 -1.14 -17.70 1.68
C CYS A 98 -2.60 -18.14 1.84
N LYS A 99 -2.81 -19.07 2.77
CA LYS A 99 -4.11 -19.47 3.25
C LYS A 99 -4.20 -19.12 4.73
N ILE A 100 -5.42 -19.08 5.25
CA ILE A 100 -5.67 -18.61 6.61
C ILE A 100 -6.52 -19.67 7.31
N ARG A 101 -6.14 -20.02 8.55
CA ARG A 101 -6.87 -20.93 9.44
C ARG A 101 -6.88 -20.35 10.84
N LYS A 102 -7.74 -20.94 11.68
CA LYS A 102 -7.80 -20.59 13.09
C LYS A 102 -6.51 -20.98 13.81
N GLY A 103 -6.01 -20.07 14.64
CA GLY A 103 -4.89 -20.36 15.51
C GLY A 103 -5.32 -21.05 16.77
N VAL A 104 -4.58 -20.82 17.85
CA VAL A 104 -4.99 -21.26 19.19
C VAL A 104 -5.97 -20.23 19.71
N THR A 105 -7.26 -20.55 19.64
CA THR A 105 -8.30 -19.62 20.06
C THR A 105 -9.57 -20.43 20.22
N ASN A 106 -10.29 -20.17 21.31
CA ASN A 106 -11.57 -20.83 21.54
C ASN A 106 -12.71 -20.11 20.87
N SER A 107 -12.41 -19.09 20.06
CA SER A 107 -13.47 -18.31 19.45
C SER A 107 -14.01 -19.04 18.24
N LYS A 108 -15.33 -19.08 18.14
CA LYS A 108 -16.04 -19.64 17.00
C LYS A 108 -16.57 -18.55 16.09
N ASP A 109 -16.16 -17.29 16.34
CA ASP A 109 -16.69 -16.13 15.62
C ASP A 109 -16.44 -16.21 14.13
N LEU A 110 -15.35 -16.82 13.71
CA LEU A 110 -15.09 -16.91 12.28
C LEU A 110 -15.54 -18.23 11.68
N ASP A 111 -16.00 -19.17 12.51
CA ASP A 111 -16.43 -20.49 12.02
C ASP A 111 -17.34 -20.41 10.81
N PRO A 112 -18.36 -19.54 10.75
CA PRO A 112 -19.22 -19.52 9.56
C PRO A 112 -18.48 -19.12 8.27
N TYR A 113 -17.23 -18.65 8.33
CA TYR A 113 -16.49 -18.29 7.12
C TYR A 113 -15.42 -19.31 6.75
N LEU A 114 -15.41 -20.47 7.41
CA LEU A 114 -14.45 -21.54 7.19
C LEU A 114 -15.01 -22.60 6.26
N ASN A 115 -14.18 -23.09 5.33
CA ASN A 115 -14.62 -24.18 4.49
C ASN A 115 -14.54 -25.51 5.25
N LYS A 116 -14.84 -26.60 4.55
CA LYS A 116 -14.92 -27.92 5.21
C LYS A 116 -13.59 -28.32 5.84
N ASP A 117 -12.48 -27.85 5.28
CA ASP A 117 -11.15 -28.18 5.78
C ASP A 117 -10.60 -27.18 6.76
N GLY A 118 -11.36 -26.16 7.16
CA GLY A 118 -10.90 -25.23 8.16
C GLY A 118 -10.24 -23.95 7.68
N PHE A 119 -10.17 -23.73 6.36
CA PHE A 119 -9.57 -22.50 5.82
C PHE A 119 -10.58 -21.37 5.79
N LEU A 120 -10.11 -20.18 6.16
CA LEU A 120 -10.92 -18.98 6.06
C LEU A 120 -11.08 -18.60 4.60
N VAL A 121 -12.32 -18.51 4.13
CA VAL A 121 -12.61 -18.37 2.70
C VAL A 121 -12.69 -16.88 2.38
N PRO A 122 -11.81 -16.34 1.54
CA PRO A 122 -11.82 -14.90 1.27
C PRO A 122 -13.16 -14.33 0.87
N GLY A 123 -13.82 -14.90 -0.15
CA GLY A 123 -15.08 -14.36 -0.61
C GLY A 123 -16.18 -14.37 0.44
N LEU A 124 -16.13 -15.32 1.39
CA LEU A 124 -17.11 -15.30 2.50
C LEU A 124 -16.78 -14.22 3.52
N PHE A 125 -15.49 -14.05 3.83
CA PHE A 125 -15.13 -13.06 4.84
C PHE A 125 -15.21 -11.65 4.25
N LYS A 126 -14.83 -11.50 2.98
CA LYS A 126 -14.99 -10.22 2.29
C LYS A 126 -16.44 -9.76 2.32
N GLN A 127 -17.37 -10.63 1.91
CA GLN A 127 -18.76 -10.23 1.84
C GLN A 127 -19.28 -9.84 3.22
N ALA A 128 -18.86 -10.56 4.26
CA ALA A 128 -19.28 -10.21 5.61
C ALA A 128 -18.69 -8.87 6.05
N MET A 129 -17.40 -8.65 5.76
CA MET A 129 -16.76 -7.39 6.13
C MET A 129 -17.30 -6.21 5.33
N PHE A 130 -17.48 -6.38 4.01
CA PHE A 130 -18.07 -5.29 3.22
C PHE A 130 -19.47 -4.97 3.69
N ASP A 131 -20.26 -5.99 4.03
CA ASP A 131 -21.60 -5.76 4.56
C ASP A 131 -21.53 -4.97 5.86
N LEU A 132 -20.61 -5.35 6.74
CA LEU A 132 -20.38 -4.57 7.95
C LEU A 132 -19.96 -3.13 7.65
N PHE A 133 -19.01 -2.91 6.71
CA PHE A 133 -18.62 -1.54 6.40
C PHE A 133 -19.83 -0.71 6.01
N GLU A 134 -20.65 -1.25 5.11
CA GLU A 134 -21.78 -0.50 4.60
C GLU A 134 -22.77 -0.16 5.70
N LYS A 135 -23.03 -1.14 6.60
CA LYS A 135 -23.93 -0.92 7.73
C LYS A 135 -23.38 0.16 8.67
N SER A 136 -22.07 0.14 8.93
CA SER A 136 -21.44 1.08 9.85
C SER A 136 -21.42 2.49 9.27
N LEU A 137 -21.12 2.62 7.98
CA LEU A 137 -21.09 3.95 7.37
C LEU A 137 -22.47 4.56 7.24
N SER A 138 -23.53 3.73 7.26
CA SER A 138 -24.90 4.22 7.28
C SER A 138 -25.43 4.39 8.69
N ASP A 139 -24.73 3.87 9.69
CA ASP A 139 -25.27 3.80 11.04
C ASP A 139 -25.42 5.21 11.64
N GLY A 140 -26.34 5.34 12.58
CA GLY A 140 -26.63 6.63 13.18
C GLY A 140 -25.64 7.07 14.23
N THR A 141 -24.82 6.16 14.73
CA THR A 141 -23.78 6.51 15.69
C THR A 141 -22.50 6.97 15.01
N PHE A 142 -22.50 7.07 13.67
CA PHE A 142 -21.36 7.52 12.88
C PHE A 142 -21.86 8.67 12.02
N ARG A 143 -21.95 9.86 12.61
CA ARG A 143 -22.44 11.03 11.88
C ARG A 143 -21.57 11.38 10.68
N GLU A 144 -20.32 10.92 10.62
CA GLU A 144 -19.51 11.34 9.50
C GLU A 144 -19.84 10.53 8.24
N GLY A 145 -20.38 9.31 8.41
CA GLY A 145 -20.73 8.47 7.27
C GLY A 145 -21.68 9.12 6.27
N ARG A 146 -22.46 10.10 6.72
CA ARG A 146 -23.28 10.89 5.78
C ARG A 146 -22.43 11.65 4.76
N ARG A 147 -21.17 11.95 5.09
CA ARG A 147 -20.28 12.63 4.16
C ARG A 147 -19.53 11.66 3.26
N THR A 148 -19.80 10.36 3.37
CA THR A 148 -19.08 9.34 2.64
C THR A 148 -19.98 8.77 1.56
N THR A 149 -19.34 8.26 0.52
CA THR A 149 -20.07 7.69 -0.60
C THR A 149 -19.14 6.69 -1.25
N ARG A 150 -19.69 5.63 -1.80
CA ARG A 150 -18.83 4.58 -2.30
C ARG A 150 -18.32 4.92 -3.68
N GLN A 151 -17.04 4.62 -3.91
CA GLN A 151 -16.34 4.87 -5.18
C GLN A 151 -16.04 3.51 -5.83
N THR A 152 -15.97 3.51 -7.16
CA THR A 152 -15.60 2.30 -7.87
C THR A 152 -14.17 1.87 -7.50
N SER A 153 -13.97 0.56 -7.37
CA SER A 153 -12.64 -0.04 -7.22
C SER A 153 -12.45 -1.10 -8.30
N LYS A 154 -11.19 -1.51 -8.49
CA LYS A 154 -10.88 -2.51 -9.50
C LYS A 154 -11.45 -3.88 -9.11
N PRO A 155 -11.72 -4.75 -10.10
CA PRO A 155 -12.26 -6.09 -9.79
C PRO A 155 -11.28 -6.90 -8.96
N GLY A 156 -11.82 -7.61 -7.98
CA GLY A 156 -11.01 -8.42 -7.07
C GLY A 156 -10.22 -7.63 -6.05
N SER A 157 -10.46 -6.32 -5.92
CA SER A 157 -9.64 -5.48 -5.06
C SER A 157 -9.84 -5.85 -3.60
N PRO A 158 -8.80 -5.71 -2.77
CA PRO A 158 -9.00 -5.96 -1.35
C PRO A 158 -9.77 -4.85 -0.67
N ALA A 159 -10.05 -3.72 -1.33
CA ALA A 159 -10.56 -2.54 -0.66
C ALA A 159 -12.03 -2.24 -0.94
N TYR A 160 -12.72 -1.82 0.11
CA TYR A 160 -13.97 -1.08 0.01
C TYR A 160 -13.61 0.40 -0.05
N THR A 161 -13.78 1.03 -1.20
CA THR A 161 -13.26 2.38 -1.46
C THR A 161 -14.40 3.40 -1.43
N ILE A 162 -14.25 4.43 -0.61
CA ILE A 162 -15.23 5.50 -0.48
C ILE A 162 -14.54 6.83 -0.78
N LEU A 163 -15.35 7.84 -1.05
CA LEU A 163 -14.94 9.24 -1.07
C LEU A 163 -15.46 9.88 0.21
N TYR A 164 -14.57 10.52 0.97
CA TYR A 164 -14.97 11.19 2.20
C TYR A 164 -14.88 12.68 1.97
N ASN A 165 -16.04 13.33 1.88
CA ASN A 165 -16.13 14.75 1.58
C ASN A 165 -16.03 15.55 2.87
N LEU A 166 -14.85 16.13 3.11
CA LEU A 166 -14.67 17.03 4.24
C LEU A 166 -15.33 18.38 4.04
N GLY A 167 -15.84 18.66 2.84
CA GLY A 167 -16.46 19.93 2.56
C GLY A 167 -15.52 21.07 2.31
N ILE A 168 -14.21 20.82 2.20
CA ILE A 168 -13.25 21.90 1.96
C ILE A 168 -13.42 22.41 0.53
N HIS A 169 -13.82 23.66 0.38
CA HIS A 169 -13.97 24.21 -0.96
C HIS A 169 -12.60 24.25 -1.64
N GLY A 170 -12.59 23.97 -2.95
CA GLY A 170 -11.37 23.86 -3.70
C GLY A 170 -10.65 22.53 -3.57
N LYS A 171 -11.14 21.61 -2.73
CA LYS A 171 -10.52 20.32 -2.54
C LYS A 171 -11.56 19.24 -2.73
N ARG A 172 -11.22 18.24 -3.53
CA ARG A 172 -12.14 17.14 -3.76
C ARG A 172 -12.11 16.20 -2.58
N PRO A 173 -13.11 15.34 -2.46
CA PRO A 173 -13.15 14.43 -1.31
C PRO A 173 -11.90 13.56 -1.21
N ILE A 174 -11.65 13.12 0.01
CA ILE A 174 -10.56 12.23 0.37
C ILE A 174 -10.86 10.82 -0.11
N ASP A 175 -9.88 10.18 -0.75
CA ASP A 175 -9.98 8.77 -1.11
C ASP A 175 -9.66 7.88 0.10
N VAL A 176 -10.58 7.02 0.50
CA VAL A 176 -10.34 6.18 1.67
C VAL A 176 -10.56 4.73 1.27
N ASP A 177 -9.55 3.88 1.51
CA ASP A 177 -9.70 2.43 1.33
C ASP A 177 -9.98 1.77 2.67
N LEU A 178 -11.07 1.04 2.76
CA LEU A 178 -11.34 0.19 3.92
C LEU A 178 -11.03 -1.25 3.53
N VAL A 179 -10.04 -1.86 4.21
CA VAL A 179 -9.44 -3.11 3.77
C VAL A 179 -9.64 -4.17 4.85
N PRO A 180 -10.55 -5.11 4.66
CA PRO A 180 -10.63 -6.24 5.60
C PRO A 180 -9.35 -7.08 5.52
N ALA A 181 -8.91 -7.54 6.69
CA ALA A 181 -7.59 -8.14 6.77
C ALA A 181 -7.55 -9.13 7.93
N ILE A 182 -6.54 -10.00 7.90
CA ILE A 182 -6.23 -10.86 9.03
C ILE A 182 -4.82 -10.53 9.49
N ARG A 183 -4.66 -10.24 10.79
CA ARG A 183 -3.34 -9.94 11.32
C ARG A 183 -2.69 -11.23 11.78
N ILE A 184 -1.44 -11.44 11.36
CA ILE A 184 -0.65 -12.59 11.80
C ILE A 184 0.59 -12.04 12.50
N GLU A 185 0.82 -12.50 13.72
CA GLU A 185 1.76 -11.84 14.62
C GLU A 185 3.09 -12.61 14.67
N CYS A 186 3.67 -12.75 13.49
CA CYS A 186 5.03 -13.22 13.29
C CYS A 186 5.47 -12.69 11.93
N TRP A 187 6.58 -13.23 11.40
CA TRP A 187 7.10 -13.01 10.06
C TRP A 187 6.78 -14.21 9.16
N PRO A 188 6.32 -14.01 7.93
CA PRO A 188 5.98 -15.15 7.08
C PRO A 188 7.16 -16.06 6.84
N LYS A 189 6.91 -17.37 6.96
CA LYS A 189 7.95 -18.36 6.69
C LYS A 189 8.66 -18.17 5.35
N PRO A 190 7.98 -17.93 4.23
CA PRO A 190 8.71 -17.75 2.97
C PRO A 190 9.41 -16.40 2.83
N ALA A 191 9.22 -15.46 3.76
CA ALA A 191 9.76 -14.11 3.56
C ALA A 191 11.23 -14.04 3.96
N LYS A 192 11.99 -13.26 3.18
CA LYS A 192 13.39 -12.98 3.50
C LYS A 192 13.52 -12.38 4.89
N GLU A 193 14.54 -12.80 5.64
CA GLU A 193 14.91 -12.11 6.89
C GLU A 193 15.62 -10.82 6.53
N ILE A 194 14.86 -9.74 6.35
CA ILE A 194 15.45 -8.47 5.93
C ILE A 194 16.32 -7.91 7.05
N LYS A 195 17.42 -7.28 6.66
CA LYS A 195 18.28 -6.57 7.60
C LYS A 195 18.79 -5.33 6.90
N PRO A 196 17.94 -4.32 6.67
CA PRO A 196 18.43 -3.12 5.98
C PRO A 196 19.42 -2.35 6.84
N ASP A 197 20.52 -1.89 6.22
CA ASP A 197 21.50 -1.17 7.04
C ASP A 197 21.15 0.29 7.23
N TRP A 198 20.11 0.79 6.57
CA TRP A 198 19.74 2.20 6.60
C TRP A 198 18.64 2.54 7.60
N VAL A 199 18.16 1.58 8.39
CA VAL A 199 17.33 1.87 9.55
C VAL A 199 17.95 1.18 10.75
N LYS A 200 17.56 1.63 11.94
CA LYS A 200 18.15 1.06 13.14
C LYS A 200 17.60 -0.34 13.42
N LYS A 201 18.39 -1.11 14.18
CA LYS A 201 18.01 -2.49 14.46
C LYS A 201 16.63 -2.57 15.08
N GLU A 202 16.29 -1.59 15.93
CA GLU A 202 14.99 -1.64 16.59
C GLU A 202 13.86 -1.37 15.63
N THR A 203 14.11 -0.56 14.60
CA THR A 203 13.08 -0.30 13.60
C THR A 203 12.77 -1.54 12.78
N THR A 204 13.81 -2.28 12.37
CA THR A 204 13.58 -3.54 11.69
C THR A 204 12.84 -4.53 12.58
N GLU A 205 13.13 -4.50 13.88
CA GLU A 205 12.43 -5.33 14.85
C GLU A 205 10.94 -5.01 14.87
N ARG A 206 10.59 -3.73 14.92
CA ARG A 206 9.17 -3.37 14.89
C ARG A 206 8.55 -3.72 13.54
N ALA A 207 9.31 -3.56 12.46
CA ALA A 207 8.76 -3.76 11.13
C ALA A 207 8.40 -5.22 10.88
N THR A 208 9.10 -6.15 11.52
CA THR A 208 8.91 -7.56 11.26
C THR A 208 8.08 -8.23 12.34
N ARG A 209 7.45 -7.44 13.21
CA ARG A 209 6.62 -7.96 14.30
C ARG A 209 5.40 -8.72 13.78
N CYS A 210 4.85 -8.33 12.63
CA CYS A 210 3.59 -8.88 12.17
C CYS A 210 3.46 -8.65 10.68
N PHE A 211 2.50 -9.34 10.07
CA PHE A 211 2.05 -8.98 8.73
C PHE A 211 0.54 -9.15 8.68
N HIS A 212 -0.04 -8.79 7.54
CA HIS A 212 -1.48 -8.93 7.37
C HIS A 212 -1.74 -9.66 6.08
N ALA A 213 -2.90 -10.29 6.01
CA ALA A 213 -3.35 -11.02 4.84
C ALA A 213 -4.58 -10.32 4.34
N VAL A 214 -4.67 -10.06 3.04
CA VAL A 214 -5.83 -9.35 2.55
C VAL A 214 -6.36 -10.10 1.34
N MET A 215 -7.61 -9.82 1.01
CA MET A 215 -8.38 -10.58 0.02
C MET A 215 -8.34 -9.91 -1.34
N LYS A 216 -7.11 -9.70 -1.81
CA LYS A 216 -6.86 -9.50 -3.22
C LYS A 216 -6.89 -10.86 -3.89
N THR A 217 -7.71 -11.00 -4.91
CA THR A 217 -7.88 -12.29 -5.57
C THR A 217 -6.67 -12.64 -6.41
N TYR A 218 -6.14 -13.85 -6.23
CA TYR A 218 -5.06 -14.34 -7.08
C TYR A 218 -5.54 -14.41 -8.52
N PRO A 219 -4.90 -13.70 -9.47
CA PRO A 219 -5.47 -13.53 -10.80
C PRO A 219 -5.29 -14.71 -11.76
N GLU A 220 -4.61 -15.78 -11.38
CA GLU A 220 -4.31 -16.88 -12.29
C GLU A 220 -4.99 -18.17 -11.83
N ASN A 221 -5.07 -19.13 -12.76
CA ASN A 221 -5.61 -20.45 -12.46
C ASN A 221 -4.76 -21.14 -11.39
N TRP A 222 -5.43 -21.72 -10.40
CA TRP A 222 -4.71 -22.41 -9.35
C TRP A 222 -5.71 -23.26 -8.60
N PRO A 223 -5.40 -24.52 -8.32
CA PRO A 223 -6.34 -25.34 -7.55
C PRO A 223 -6.53 -24.77 -6.15
N ASP A 224 -7.80 -24.66 -5.74
CA ASP A 224 -8.17 -23.98 -4.50
C ASP A 224 -7.71 -22.52 -4.49
N GLY A 225 -7.55 -21.90 -5.66
CA GLY A 225 -7.12 -20.51 -5.69
C GLY A 225 -8.10 -19.56 -5.02
N ASP A 226 -9.37 -19.97 -4.93
CA ASP A 226 -10.35 -19.17 -4.21
C ASP A 226 -10.10 -19.16 -2.70
N LEU A 227 -9.11 -19.90 -2.20
CA LEU A 227 -8.74 -19.89 -0.80
C LEU A 227 -7.48 -19.07 -0.53
N LEU A 228 -6.90 -18.49 -1.59
CA LEU A 228 -5.64 -17.78 -1.45
C LEU A 228 -5.89 -16.35 -0.96
N TRP A 229 -5.02 -15.91 -0.06
CA TRP A 229 -4.97 -14.56 0.47
C TRP A 229 -3.64 -13.95 0.05
N ARG A 230 -3.61 -12.63 -0.11
CA ARG A 230 -2.36 -11.96 -0.43
C ARG A 230 -1.61 -11.65 0.86
N ILE A 231 -0.32 -11.99 0.90
CA ILE A 231 0.52 -11.57 2.01
C ILE A 231 0.77 -10.08 1.89
N SER A 232 0.38 -9.31 2.91
CA SER A 232 0.55 -7.86 2.89
C SER A 232 1.58 -7.42 3.90
N PHE A 233 2.58 -6.69 3.43
CA PHE A 233 3.66 -6.13 4.23
C PHE A 233 3.43 -4.65 4.53
N THR A 234 2.18 -4.21 4.46
CA THR A 234 1.83 -2.81 4.71
C THR A 234 2.44 -2.29 6.01
N HIS A 235 2.38 -3.09 7.09
CA HIS A 235 2.96 -2.67 8.36
C HIS A 235 4.47 -2.45 8.25
N ALA A 236 5.19 -3.44 7.71
CA ALA A 236 6.64 -3.31 7.58
C ALA A 236 7.01 -2.20 6.61
N GLU A 237 6.27 -2.08 5.51
CA GLU A 237 6.55 -1.02 4.56
C GLU A 237 6.39 0.34 5.23
N LYS A 238 5.34 0.49 6.04
CA LYS A 238 5.12 1.73 6.76
C LYS A 238 6.28 2.03 7.69
N GLU A 239 6.72 1.03 8.46
CA GLU A 239 7.81 1.28 9.40
C GLU A 239 9.08 1.75 8.69
N LEU A 240 9.43 1.11 7.57
CA LEU A 240 10.72 1.38 6.93
C LEU A 240 10.71 2.70 6.16
N ILE A 241 9.61 3.00 5.47
CA ILE A 241 9.52 4.25 4.73
C ILE A 241 9.43 5.44 5.69
N LEU A 242 8.56 5.35 6.71
CA LEU A 242 8.44 6.45 7.67
C LEU A 242 9.80 6.80 8.27
N HIS A 243 10.61 5.80 8.59
CA HIS A 243 11.86 6.01 9.28
C HIS A 243 13.08 5.95 8.35
N ALA A 244 12.88 6.18 7.05
CA ALA A 244 13.97 6.00 6.08
C ALA A 244 15.12 7.02 6.28
N ASN A 245 14.85 8.22 6.80
CA ASN A 245 15.91 9.20 7.09
C ASN A 245 16.47 9.04 8.49
N GLU A 246 16.21 7.90 9.13
CA GLU A 246 16.56 7.72 10.54
C GLU A 246 18.07 7.79 10.77
N LYS A 247 18.87 7.27 9.84
CA LYS A 247 20.31 7.17 10.14
C LYS A 247 21.13 8.25 9.46
N GLU A 248 20.92 8.47 8.17
CA GLU A 248 21.77 9.41 7.47
C GLU A 248 21.13 10.77 7.29
N LYS A 249 19.81 10.87 7.27
CA LYS A 249 19.13 12.15 7.04
C LYS A 249 19.60 12.78 5.72
N GLY A 250 19.28 12.08 4.64
CA GLY A 250 19.66 12.59 3.34
C GLY A 250 18.45 12.75 2.45
N CYS A 251 18.58 12.38 1.18
CA CYS A 251 17.49 12.53 0.21
C CYS A 251 16.79 11.21 -0.09
N ARG A 252 16.90 10.20 0.77
CA ARG A 252 16.24 8.92 0.49
C ARG A 252 14.73 9.10 0.28
N LYS A 253 14.02 9.74 1.20
CA LYS A 253 12.59 9.93 0.99
C LYS A 253 12.30 10.96 -0.09
N ASP A 254 13.17 11.96 -0.28
CA ASP A 254 13.00 12.89 -1.40
C ASP A 254 12.97 12.16 -2.73
N ILE A 255 13.86 11.19 -2.93
CA ILE A 255 13.92 10.48 -4.21
C ILE A 255 12.66 9.65 -4.42
N PHE A 256 12.18 9.03 -3.35
CA PHE A 256 10.92 8.29 -3.42
C PHE A 256 9.77 9.22 -3.75
N ARG A 257 9.70 10.39 -3.10
CA ARG A 257 8.60 11.30 -3.37
C ARG A 257 8.63 11.77 -4.83
N LEU A 258 9.82 12.12 -5.33
CA LEU A 258 9.95 12.54 -6.73
C LEU A 258 9.62 11.41 -7.69
N LEU A 259 10.03 10.16 -7.39
CA LEU A 259 9.61 9.04 -8.26
C LEU A 259 8.08 8.88 -8.28
N LYS A 260 7.42 9.07 -7.14
CA LYS A 260 5.96 8.97 -7.17
C LYS A 260 5.35 10.09 -7.99
N LYS A 261 5.90 11.31 -7.89
CA LYS A 261 5.44 12.40 -8.75
C LYS A 261 5.66 12.08 -10.22
N ILE A 262 6.82 11.52 -10.55
CA ILE A 262 7.10 11.13 -11.94
C ILE A 262 6.03 10.19 -12.45
N LYS A 263 5.67 9.19 -11.62
CA LYS A 263 4.61 8.24 -11.99
C LYS A 263 3.28 8.94 -12.19
N GLU A 264 2.93 9.87 -11.30
CA GLU A 264 1.62 10.52 -11.41
C GLU A 264 1.52 11.34 -12.68
N VAL A 265 2.60 12.05 -13.05
CA VAL A 265 2.60 12.84 -14.27
C VAL A 265 2.63 11.93 -15.50
N MET A 266 3.36 10.83 -15.41
CA MET A 266 3.40 9.88 -16.51
C MET A 266 2.01 9.31 -16.79
N LYS A 267 1.29 8.90 -15.74
CA LYS A 267 -0.10 8.49 -15.93
C LYS A 267 -0.93 9.63 -16.53
N SER A 268 -0.70 10.87 -16.09
CA SER A 268 -1.53 11.92 -16.69
C SER A 268 -1.17 12.16 -18.14
N ARG A 269 0.04 11.78 -18.56
CA ARG A 269 0.43 11.93 -19.96
C ARG A 269 -0.09 10.79 -20.83
N ASN A 270 -0.47 9.66 -20.22
CA ASN A 270 -0.88 8.43 -20.92
C ASN A 270 -2.12 7.89 -20.23
N SER A 271 -3.25 8.51 -20.56
CA SER A 271 -4.50 8.36 -19.84
C SER A 271 -4.79 6.92 -19.45
N ASN A 272 -5.12 6.08 -20.43
CA ASN A 272 -5.51 4.72 -20.12
C ASN A 272 -4.47 3.68 -20.51
N ASP A 273 -3.25 4.09 -20.80
CA ASP A 273 -2.22 3.15 -21.21
C ASP A 273 -1.29 2.75 -20.07
N ILE A 274 -1.41 3.39 -18.92
CA ILE A 274 -0.66 2.99 -17.73
C ILE A 274 -1.65 2.67 -16.63
N ASP A 275 -2.39 1.57 -16.77
CA ASP A 275 -3.39 1.25 -15.77
C ASP A 275 -2.90 0.25 -14.72
N LYS A 276 -1.70 -0.31 -14.85
CA LYS A 276 -1.24 -1.29 -13.87
C LYS A 276 -0.08 -0.79 -13.02
N PHE A 277 0.81 0.00 -13.59
CA PHE A 277 1.95 0.48 -12.83
C PHE A 277 1.46 1.44 -11.76
N CYS A 278 1.90 1.24 -10.50
CA CYS A 278 1.35 1.98 -9.36
C CYS A 278 2.45 2.26 -8.34
N SER A 279 2.08 2.98 -7.27
CA SER A 279 3.07 3.37 -6.27
C SER A 279 3.63 2.17 -5.52
N TYR A 280 2.84 1.11 -5.36
CA TYR A 280 3.37 -0.06 -4.67
C TYR A 280 4.58 -0.64 -5.41
N HIS A 281 4.52 -0.66 -6.74
CA HIS A 281 5.68 -1.13 -7.50
C HIS A 281 6.87 -0.22 -7.29
N LEU A 282 6.65 1.09 -7.26
CA LEU A 282 7.75 2.01 -6.95
C LEU A 282 8.30 1.76 -5.58
N LYS A 283 7.44 1.45 -4.61
CA LYS A 283 7.94 1.25 -3.25
C LYS A 283 8.88 0.07 -3.19
N MET A 284 8.49 -1.07 -3.82
CA MET A 284 9.34 -2.26 -3.88
C MET A 284 10.66 -1.94 -4.58
N PHE A 285 10.59 -1.22 -5.70
CA PHE A 285 11.80 -0.79 -6.38
C PHE A 285 12.65 0.06 -5.46
N MET A 286 12.04 1.05 -4.82
CA MET A 286 12.73 1.96 -3.92
C MET A 286 13.45 1.26 -2.76
N LEU A 287 12.77 0.31 -2.10
CA LEU A 287 13.41 -0.36 -0.98
C LEU A 287 14.65 -1.12 -1.44
N LYS A 288 14.61 -1.69 -2.63
CA LYS A 288 15.78 -2.39 -3.14
C LYS A 288 16.89 -1.41 -3.51
N PHE A 289 16.52 -0.22 -3.97
CA PHE A 289 17.50 0.83 -4.28
C PHE A 289 18.18 1.33 -3.00
N PHE A 290 17.41 1.37 -1.90
CA PHE A 290 17.92 1.78 -0.60
C PHE A 290 18.97 0.82 -0.07
N ASP A 291 18.86 -0.45 -0.44
CA ASP A 291 19.87 -1.43 -0.04
C ASP A 291 21.08 -1.33 -0.95
N LYS A 292 20.85 -1.21 -2.26
CA LYS A 292 21.98 -1.21 -3.20
C LYS A 292 22.84 0.03 -3.03
N GLU A 293 22.21 1.18 -2.79
CA GLU A 293 22.89 2.47 -2.75
C GLU A 293 23.20 2.85 -1.31
N LYS A 294 24.48 3.03 -0.99
CA LYS A 294 24.85 3.23 0.39
C LYS A 294 24.85 4.67 0.84
N TYR A 295 24.87 5.62 -0.09
CA TYR A 295 25.09 7.01 0.28
C TYR A 295 24.02 7.87 -0.36
N PHE A 296 23.48 8.78 0.43
CA PHE A 296 22.34 9.59 0.01
C PHE A 296 22.49 11.01 0.53
N ARG A 297 23.68 11.60 0.37
CA ARG A 297 23.85 12.99 0.76
C ARG A 297 22.83 13.85 0.04
N ASN A 298 22.35 14.89 0.74
CA ASN A 298 21.42 15.85 0.14
C ASN A 298 21.95 16.41 -1.17
N GLU A 299 23.25 16.66 -1.26
CA GLU A 299 23.81 17.23 -2.48
C GLU A 299 23.78 16.23 -3.64
N MET A 300 23.60 14.94 -3.39
CA MET A 300 23.54 13.94 -4.43
C MET A 300 22.14 13.77 -5.02
N LYS A 301 21.16 14.56 -4.57
CA LYS A 301 19.75 14.24 -4.78
C LYS A 301 19.44 14.02 -6.25
N VAL A 302 19.76 14.99 -7.09
CA VAL A 302 19.33 14.92 -8.50
C VAL A 302 20.06 13.79 -9.23
N ASP A 303 21.34 13.55 -8.92
CA ASP A 303 22.05 12.48 -9.61
C ASP A 303 21.54 11.10 -9.20
N LEU A 304 21.27 10.91 -7.91
CA LEU A 304 20.73 9.63 -7.45
C LEU A 304 19.32 9.41 -8.01
N LEU A 305 18.51 10.46 -8.10
CA LEU A 305 17.24 10.34 -8.83
C LEU A 305 17.46 9.92 -10.27
N LYS A 306 18.49 10.45 -10.93
CA LYS A 306 18.75 10.02 -12.30
C LYS A 306 19.08 8.54 -12.36
N LYS A 307 19.93 8.08 -11.45
CA LYS A 307 20.32 6.67 -11.45
C LYS A 307 19.13 5.78 -11.08
N ALA A 308 18.23 6.29 -10.22
CA ALA A 308 17.03 5.53 -9.86
C ALA A 308 16.08 5.38 -11.03
N ILE A 309 15.85 6.48 -11.76
CA ILE A 309 15.03 6.42 -12.98
C ILE A 309 15.60 5.43 -13.97
N LYS A 310 16.93 5.39 -14.11
CA LYS A 310 17.53 4.52 -15.12
C LYS A 310 17.37 3.05 -14.73
N LYS A 311 17.66 2.71 -13.47
CA LYS A 311 17.48 1.33 -13.04
C LYS A 311 16.01 0.93 -13.06
N LEU A 312 15.10 1.86 -12.76
CA LEU A 312 13.68 1.54 -12.82
C LEU A 312 13.27 1.21 -14.25
N GLY A 313 13.59 2.09 -15.20
CA GLY A 313 13.31 1.80 -16.60
C GLY A 313 13.87 0.45 -17.03
N GLU A 314 15.10 0.14 -16.64
CA GLU A 314 15.68 -1.15 -16.97
C GLU A 314 14.92 -2.31 -16.32
N SER A 315 14.50 -2.16 -15.06
CA SER A 315 13.71 -3.19 -14.39
C SER A 315 12.39 -3.43 -15.09
N VAL A 316 11.71 -2.35 -15.46
CA VAL A 316 10.40 -2.46 -16.10
C VAL A 316 10.54 -3.11 -17.47
N GLU A 317 11.60 -2.76 -18.20
CA GLU A 317 11.87 -3.36 -19.49
C GLU A 317 12.17 -4.83 -19.35
N HIS A 318 13.01 -5.18 -18.38
CA HIS A 318 13.27 -6.58 -18.09
C HIS A 318 12.03 -7.28 -17.55
N GLY A 319 11.11 -6.53 -16.95
CA GLY A 319 9.82 -7.07 -16.58
C GLY A 319 9.75 -7.67 -15.20
N ASN A 320 10.71 -7.38 -14.33
CA ASN A 320 10.76 -7.95 -12.98
C ASN A 320 11.15 -6.86 -12.00
N ILE A 321 10.29 -6.60 -11.01
CA ILE A 321 10.65 -5.86 -9.80
C ILE A 321 10.35 -6.76 -8.61
N PRO A 322 11.35 -7.16 -7.84
CA PRO A 322 11.10 -8.06 -6.72
C PRO A 322 10.33 -7.39 -5.58
N ASN A 323 9.37 -8.13 -5.03
CA ASN A 323 8.90 -7.86 -3.69
C ASN A 323 10.11 -7.82 -2.75
N TYR A 324 10.29 -6.70 -2.05
CA TYR A 324 11.44 -6.56 -1.16
C TYR A 324 11.47 -7.65 -0.06
N PHE A 325 10.30 -8.09 0.42
CA PHE A 325 10.26 -9.06 1.51
C PHE A 325 10.22 -10.49 1.00
N ILE A 326 9.87 -10.71 -0.25
CA ILE A 326 9.77 -12.05 -0.85
C ILE A 326 10.33 -11.91 -2.26
N PRO A 327 11.65 -12.05 -2.46
CA PRO A 327 12.21 -11.65 -3.75
C PRO A 327 11.69 -12.45 -4.93
N GLU A 328 11.20 -13.67 -4.71
CA GLU A 328 10.68 -14.45 -5.82
C GLU A 328 9.25 -14.06 -6.20
N ASP A 329 8.67 -13.07 -5.56
CA ASP A 329 7.40 -12.49 -5.96
C ASP A 329 7.68 -11.29 -6.85
N ASN A 330 7.40 -11.43 -8.15
CA ASN A 330 7.59 -10.34 -9.12
C ASN A 330 6.34 -9.46 -9.11
N VAL A 331 6.42 -8.29 -8.49
CA VAL A 331 5.21 -7.50 -8.32
C VAL A 331 4.74 -6.83 -9.60
N ILE A 332 5.51 -6.84 -10.70
CA ILE A 332 5.01 -6.28 -11.96
C ILE A 332 4.76 -7.38 -12.99
N VAL A 333 4.59 -8.63 -12.55
CA VAL A 333 4.29 -9.71 -13.50
C VAL A 333 3.04 -9.40 -14.34
N ASN A 334 2.09 -8.68 -13.77
CA ASN A 334 0.81 -8.41 -14.43
C ASN A 334 0.84 -7.17 -15.30
N VAL A 335 1.99 -6.51 -15.38
CA VAL A 335 2.14 -5.30 -16.17
C VAL A 335 2.61 -5.73 -17.54
N LEU A 336 1.77 -5.54 -18.54
CA LEU A 336 1.94 -6.15 -19.85
C LEU A 336 2.96 -5.38 -20.67
N GLU A 337 3.45 -6.04 -21.71
CA GLU A 337 4.60 -5.53 -22.44
C GLU A 337 4.35 -4.13 -22.97
N LYS A 338 3.19 -3.92 -23.62
CA LYS A 338 2.90 -2.60 -24.17
C LYS A 338 3.05 -1.50 -23.13
N GLU A 339 2.58 -1.75 -21.90
CA GLU A 339 2.70 -0.73 -20.87
C GLU A 339 4.15 -0.62 -20.40
N ARG A 340 4.82 -1.75 -20.16
CA ARG A 340 6.21 -1.68 -19.75
C ARG A 340 7.05 -0.97 -20.80
N THR A 341 6.80 -1.24 -22.08
CA THR A 341 7.57 -0.55 -23.11
C THR A 341 7.28 0.95 -23.07
N LEU A 342 6.03 1.32 -22.84
CA LEU A 342 5.68 2.74 -22.81
C LEU A 342 6.33 3.43 -21.61
N ILE A 343 6.39 2.74 -20.47
CA ILE A 343 6.97 3.33 -19.28
C ILE A 343 8.44 3.66 -19.50
N ALA A 344 9.21 2.69 -20.00
CA ALA A 344 10.63 2.89 -20.20
C ALA A 344 10.90 4.00 -21.21
N LYS A 345 10.13 4.04 -22.30
CA LYS A 345 10.28 5.12 -23.27
C LYS A 345 9.99 6.46 -22.63
N GLU A 346 8.97 6.52 -21.77
CA GLU A 346 8.62 7.77 -21.12
C GLU A 346 9.67 8.21 -20.10
N LEU A 347 10.30 7.25 -19.41
CA LEU A 347 11.37 7.61 -18.49
C LEU A 347 12.60 8.10 -19.26
N ARG A 348 12.91 7.47 -20.39
CA ARG A 348 13.97 7.99 -21.24
C ARG A 348 13.68 9.41 -21.71
N ALA A 349 12.41 9.73 -22.00
CA ALA A 349 12.13 11.08 -22.48
C ALA A 349 12.17 12.12 -21.36
N LEU A 350 11.86 11.71 -20.12
CA LEU A 350 11.99 12.64 -19.01
C LEU A 350 13.44 13.07 -18.80
N LEU A 351 14.35 12.09 -18.72
CA LEU A 351 15.78 12.37 -18.49
C LEU A 351 16.36 13.31 -19.55
N GLU A 352 15.85 13.24 -20.79
CA GLU A 352 16.31 14.00 -21.93
C GLU A 352 15.59 15.34 -22.10
N GLY A 353 14.83 15.78 -21.09
CA GLY A 353 14.20 17.09 -21.08
C GLY A 353 13.09 17.31 -22.08
N ASN A 354 12.35 16.27 -22.45
CA ASN A 354 11.24 16.41 -23.39
C ASN A 354 9.86 16.38 -22.73
N TRP A 355 9.78 16.48 -21.40
CA TRP A 355 8.45 16.60 -20.77
C TRP A 355 8.01 18.06 -20.68
S SO4 B . 10.90 12.96 7.01
O1 SO4 B . 10.65 14.26 7.64
O2 SO4 B . 11.27 13.20 5.60
O3 SO4 B . 9.69 12.12 7.07
O4 SO4 B . 11.94 12.23 7.74
#